data_5FP8
#
_entry.id   5FP8
#
_cell.length_a   71.286
_cell.length_b   71.286
_cell.length_c   151.054
_cell.angle_alpha   90.00
_cell.angle_beta   90.00
_cell.angle_gamma   90.00
#
_symmetry.space_group_name_H-M   'P 43 21 2'
#
loop_
_entity.id
_entity.type
_entity.pdbx_description
1 polymer 'LYSINE-SPECIFIC DEMETHYLASE 4D'
2 non-polymer 'ZINC ION'
3 non-polymer 'COBALT (II) ION'
4 non-polymer '3-[(4-methylthiophen-2-yl)methylamino]pyridine-4-carboxylic acid'
5 non-polymer 'SULFATE ION'
6 water water
#
_entity_poly.entity_id   1
_entity_poly.type   'polypeptide(L)'
_entity_poly.pdbx_seq_one_letter_code
;GHMAQNPNCNIMIFHPTKEEFNDFDKYIAYMESQGAHRAGLAKIIPPKEWKARETYDNISEILIATPLQQVASGRAGVFT
QYHKKKKAMTVGEYRHLANSKKYQTPPHQNFEDLERKYWKNRIYNSPIYGADISGSLFDENTKQWNLGHLGTIQDLLEKE
CGVVIEGVNTPYLYFGMWKTTFAWHTEDMDLYSINYLHLGEPKTWYVVPPEHGQRLERLARELFPGSSRGCGAFLRHKVA
LISPTVLKENGIPFNRITQEAGEFMVTFPYGYHAGFNHGFNCAEAINFATPRWIDYGKMASQCSCGEARVTFSMDAFVRI
LQPERYDLWKRGQD
;
_entity_poly.pdbx_strand_id   A
#
loop_
_chem_comp.id
_chem_comp.type
_chem_comp.name
_chem_comp.formula
AUY non-polymer '3-[(4-methylthiophen-2-yl)methylamino]pyridine-4-carboxylic acid' 'C12 H12 N2 O2 S'
CO non-polymer 'COBALT (II) ION' 'Co 2'
SO4 non-polymer 'SULFATE ION' 'O4 S -2'
ZN non-polymer 'ZINC ION' 'Zn 2'
#
# COMPACT_ATOMS: atom_id res chain seq x y z
N ALA A 4 -9.78 9.50 -24.79
CA ALA A 4 -9.31 8.88 -23.51
C ALA A 4 -8.05 9.57 -22.99
N GLN A 5 -8.07 9.96 -21.71
CA GLN A 5 -6.92 10.60 -21.11
C GLN A 5 -5.94 9.54 -20.62
N ASN A 6 -4.64 9.82 -20.76
CA ASN A 6 -3.58 8.92 -20.28
C ASN A 6 -3.73 7.47 -20.79
N PRO A 7 -3.80 7.31 -22.13
CA PRO A 7 -3.96 5.97 -22.72
C PRO A 7 -2.78 5.01 -22.47
N ASN A 8 -1.55 5.52 -22.36
CA ASN A 8 -0.40 4.66 -22.04
C ASN A 8 -0.34 4.27 -20.56
N CYS A 9 -1.26 4.79 -19.74
CA CYS A 9 -1.32 4.47 -18.30
C CYS A 9 -0.05 4.88 -17.51
N ASN A 10 0.47 6.08 -17.80
CA ASN A 10 1.64 6.61 -17.10
C ASN A 10 1.28 7.09 -15.70
N ILE A 11 2.19 6.89 -14.75
CA ILE A 11 2.02 7.45 -13.40
C ILE A 11 2.13 8.97 -13.50
N MET A 12 1.08 9.66 -13.10
CA MET A 12 1.05 11.12 -13.15
C MET A 12 1.42 11.74 -11.80
N ILE A 13 2.04 12.91 -11.87
CA ILE A 13 2.50 13.64 -10.71
C ILE A 13 1.78 14.98 -10.68
N PHE A 14 1.15 15.32 -9.55
CA PHE A 14 0.35 16.55 -9.44
C PHE A 14 0.94 17.54 -8.43
N HIS A 15 0.79 18.83 -8.74
CA HIS A 15 1.27 19.91 -7.89
C HIS A 15 0.15 20.89 -7.57
N PRO A 16 -0.78 20.51 -6.68
CA PRO A 16 -1.89 21.41 -6.35
C PRO A 16 -1.45 22.71 -5.68
N THR A 17 -2.15 23.80 -5.98
CA THR A 17 -2.02 25.04 -5.23
C THR A 17 -2.72 24.83 -3.90
N LYS A 18 -2.44 25.71 -2.93
CA LYS A 18 -3.12 25.64 -1.63
C LYS A 18 -4.64 25.75 -1.77
N GLU A 19 -5.11 26.45 -2.80
CA GLU A 19 -6.55 26.58 -3.05
C GLU A 19 -7.14 25.26 -3.54
N GLU A 20 -6.42 24.60 -4.44
CA GLU A 20 -6.81 23.28 -4.95
C GLU A 20 -6.67 22.19 -3.89
N PHE A 21 -5.79 22.42 -2.91
CA PHE A 21 -5.53 21.45 -1.83
C PHE A 21 -6.59 21.51 -0.73
N ASN A 22 -7.59 22.37 -0.89
CA ASN A 22 -8.60 22.63 0.13
C ASN A 22 -9.85 21.75 0.01
N ASP A 23 -9.94 20.94 -1.05
CA ASP A 23 -11.08 20.06 -1.23
C ASP A 23 -10.60 18.72 -1.77
N PHE A 24 -10.48 17.75 -0.86
CA PHE A 24 -9.91 16.44 -1.16
C PHE A 24 -10.66 15.70 -2.25
N ASP A 25 -11.96 15.50 -2.05
CA ASP A 25 -12.79 14.77 -3.01
C ASP A 25 -12.73 15.42 -4.40
N LYS A 26 -12.84 16.74 -4.43
CA LYS A 26 -12.77 17.49 -5.68
C LYS A 26 -11.45 17.23 -6.41
N TYR A 27 -10.34 17.23 -5.68
CA TYR A 27 -9.04 17.06 -6.30
C TYR A 27 -8.78 15.64 -6.81
N ILE A 28 -9.24 14.64 -6.06
CA ILE A 28 -9.18 13.26 -6.53
C ILE A 28 -9.97 13.14 -7.84
N ALA A 29 -11.16 13.73 -7.89
CA ALA A 29 -11.98 13.72 -9.10
C ALA A 29 -11.27 14.41 -10.27
N TYR A 30 -10.61 15.53 -10.00
CA TYR A 30 -9.84 16.24 -11.01
C TYR A 30 -8.72 15.37 -11.58
N MET A 31 -7.95 14.74 -10.69
CA MET A 31 -6.87 13.86 -11.11
C MET A 31 -7.40 12.79 -12.07
N GLU A 32 -8.55 12.22 -11.73
CA GLU A 32 -9.16 11.21 -12.58
C GLU A 32 -9.66 11.82 -13.90
N SER A 33 -10.10 13.07 -13.89
CA SER A 33 -10.47 13.73 -15.14
C SER A 33 -9.29 13.82 -16.12
N GLN A 34 -8.06 13.85 -15.58
CA GLN A 34 -6.84 13.82 -16.40
C GLN A 34 -6.30 12.40 -16.66
N GLY A 35 -7.06 11.38 -16.29
CA GLY A 35 -6.67 9.98 -16.52
C GLY A 35 -5.69 9.36 -15.52
N ALA A 36 -5.52 10.00 -14.37
CA ALA A 36 -4.51 9.55 -13.39
C ALA A 36 -4.72 8.11 -12.92
N HIS A 37 -5.98 7.76 -12.68
CA HIS A 37 -6.36 6.41 -12.25
C HIS A 37 -5.94 5.28 -13.18
N ARG A 38 -5.73 5.58 -14.47
CA ARG A 38 -5.39 4.53 -15.41
CA ARG A 38 -5.37 4.55 -15.45
C ARG A 38 -4.04 3.86 -15.11
N ALA A 39 -3.13 4.60 -14.47
CA ALA A 39 -1.85 4.03 -14.04
C ALA A 39 -1.96 3.11 -12.82
N GLY A 40 -2.98 3.35 -11.99
CA GLY A 40 -3.17 2.62 -10.74
C GLY A 40 -2.53 3.32 -9.54
N LEU A 41 -1.78 4.38 -9.81
CA LEU A 41 -1.02 5.10 -8.79
C LEU A 41 -0.71 6.51 -9.29
N ALA A 42 -0.80 7.49 -8.38
CA ALA A 42 -0.44 8.88 -8.68
C ALA A 42 0.34 9.47 -7.52
N LYS A 43 1.26 10.38 -7.84
CA LYS A 43 1.98 11.16 -6.82
C LYS A 43 1.36 12.54 -6.70
N ILE A 44 1.22 13.02 -5.47
CA ILE A 44 0.76 14.38 -5.21
C ILE A 44 1.78 15.09 -4.32
N ILE A 45 2.35 16.16 -4.85
CA ILE A 45 3.28 16.99 -4.09
C ILE A 45 2.45 18.13 -3.47
N PRO A 46 2.43 18.23 -2.13
CA PRO A 46 1.64 19.28 -1.48
C PRO A 46 2.14 20.69 -1.79
N PRO A 47 1.27 21.69 -1.60
CA PRO A 47 1.69 23.09 -1.71
C PRO A 47 2.88 23.37 -0.80
N LYS A 48 3.82 24.20 -1.25
CA LYS A 48 5.03 24.52 -0.50
C LYS A 48 4.77 25.04 0.91
N GLU A 49 3.60 25.63 1.13
CA GLU A 49 3.23 26.17 2.44
C GLU A 49 2.61 25.14 3.40
N TRP A 50 2.23 23.98 2.87
CA TRP A 50 1.56 22.95 3.68
C TRP A 50 2.57 22.15 4.50
N LYS A 51 2.15 21.68 5.67
CA LYS A 51 2.90 20.70 6.44
C LYS A 51 1.99 19.78 7.27
N ALA A 52 2.45 18.56 7.52
CA ALA A 52 1.67 17.57 8.24
C ALA A 52 1.67 17.86 9.73
N ARG A 53 2.82 18.30 10.23
CA ARG A 53 2.98 18.67 11.62
C ARG A 53 4.23 19.54 11.72
N GLU A 54 4.46 20.11 12.90
CA GLU A 54 5.54 21.08 13.08
C GLU A 54 6.91 20.41 12.98
N THR A 55 7.16 19.42 13.84
CA THR A 55 8.40 18.64 13.79
C THR A 55 8.12 17.19 14.09
N TYR A 56 9.13 16.35 13.88
CA TYR A 56 9.06 14.92 14.22
C TYR A 56 10.03 14.60 15.37
N ASP A 57 10.18 15.56 16.29
CA ASP A 57 11.15 15.44 17.38
C ASP A 57 10.73 14.52 18.51
N ASN A 58 9.42 14.31 18.70
CA ASN A 58 8.94 13.53 19.84
C ASN A 58 8.17 12.28 19.46
N ILE A 59 8.69 11.55 18.47
CA ILE A 59 8.04 10.31 17.99
C ILE A 59 8.73 9.03 18.46
N SER A 60 9.82 9.17 19.21
CA SER A 60 10.63 8.02 19.63
C SER A 60 9.94 7.09 20.63
N GLU A 61 8.92 7.58 21.34
CA GLU A 61 8.25 6.78 22.37
C GLU A 61 7.05 5.99 21.86
N ILE A 62 6.70 6.20 20.59
CA ILE A 62 5.69 5.36 19.95
C ILE A 62 6.15 3.92 20.06
N LEU A 63 5.22 3.02 20.36
CA LEU A 63 5.52 1.61 20.49
C LEU A 63 5.19 0.84 19.22
N ILE A 64 6.15 0.03 18.76
CA ILE A 64 5.93 -0.96 17.74
C ILE A 64 5.71 -2.28 18.48
N ALA A 65 4.45 -2.58 18.79
CA ALA A 65 4.11 -3.73 19.63
C ALA A 65 4.57 -5.06 19.05
N THR A 66 4.45 -5.21 17.73
CA THR A 66 4.79 -6.46 17.05
C THR A 66 5.57 -6.18 15.76
N PRO A 67 6.87 -5.89 15.89
CA PRO A 67 7.69 -5.76 14.70
C PRO A 67 7.68 -7.08 13.94
N LEU A 68 7.74 -7.01 12.60
CA LEU A 68 7.69 -8.20 11.77
C LEU A 68 8.97 -8.36 10.95
N GLN A 69 9.65 -9.48 11.14
CA GLN A 69 10.82 -9.83 10.35
C GLN A 69 10.36 -10.53 9.07
N GLN A 70 10.72 -9.95 7.93
CA GLN A 70 10.25 -10.41 6.64
C GLN A 70 11.23 -11.40 6.01
N VAL A 71 10.92 -12.68 6.16
CA VAL A 71 11.80 -13.76 5.70
C VAL A 71 11.40 -14.24 4.30
N ALA A 72 12.37 -14.25 3.39
CA ALA A 72 12.09 -14.57 1.99
C ALA A 72 12.39 -16.03 1.64
N SER A 73 11.61 -16.53 0.67
CA SER A 73 11.79 -17.88 0.13
CA SER A 73 11.79 -17.88 0.13
CA SER A 73 11.78 -17.88 0.13
C SER A 73 11.56 -17.84 -1.37
N GLY A 74 12.49 -18.43 -2.14
CA GLY A 74 12.36 -18.50 -3.59
C GLY A 74 13.62 -18.02 -4.28
N ARG A 75 13.45 -17.43 -5.45
CA ARG A 75 14.54 -16.87 -6.25
CA ARG A 75 14.59 -16.87 -6.19
C ARG A 75 14.58 -15.35 -6.09
N ALA A 76 15.71 -14.75 -6.46
CA ALA A 76 15.91 -13.30 -6.31
C ALA A 76 14.76 -12.46 -6.89
N GLY A 77 14.31 -12.83 -8.09
CA GLY A 77 13.24 -12.10 -8.78
C GLY A 77 11.83 -12.65 -8.62
N VAL A 78 11.69 -13.77 -7.94
CA VAL A 78 10.40 -14.42 -7.72
C VAL A 78 10.46 -15.10 -6.36
N PHE A 79 9.82 -14.49 -5.38
CA PHE A 79 9.87 -15.01 -4.02
C PHE A 79 8.60 -14.69 -3.24
N THR A 80 8.38 -15.43 -2.17
CA THR A 80 7.36 -15.07 -1.20
C THR A 80 8.06 -14.63 0.08
N GLN A 81 7.33 -13.92 0.95
CA GLN A 81 7.88 -13.59 2.26
C GLN A 81 6.87 -13.92 3.34
N TYR A 82 7.36 -14.40 4.48
CA TYR A 82 6.52 -14.58 5.66
C TYR A 82 7.01 -13.68 6.79
N HIS A 83 6.08 -13.33 7.68
CA HIS A 83 6.33 -12.38 8.74
C HIS A 83 6.48 -13.09 10.06
N LYS A 84 7.70 -13.05 10.59
CA LYS A 84 8.02 -13.63 11.88
C LYS A 84 7.89 -12.53 12.91
N LYS A 85 7.08 -12.79 13.93
CA LYS A 85 6.83 -11.81 15.00
C LYS A 85 8.06 -11.66 15.88
N LYS A 86 8.34 -10.42 16.26
CA LYS A 86 9.48 -10.12 17.13
C LYS A 86 8.97 -9.38 18.35
N LYS A 87 9.83 -9.23 19.36
CA LYS A 87 9.44 -8.56 20.59
C LYS A 87 9.23 -7.07 20.35
N ALA A 88 8.41 -6.45 21.18
CA ALA A 88 8.07 -5.04 21.04
C ALA A 88 9.32 -4.17 21.15
N MET A 89 9.29 -3.04 20.46
CA MET A 89 10.32 -2.03 20.63
C MET A 89 9.74 -0.66 20.30
N THR A 90 10.34 0.38 20.85
CA THR A 90 9.91 1.74 20.55
C THR A 90 10.45 2.14 19.18
N VAL A 91 9.88 3.20 18.62
CA VAL A 91 10.40 3.78 17.38
C VAL A 91 11.87 4.18 17.53
N GLY A 92 12.24 4.66 18.72
CA GLY A 92 13.62 5.03 19.03
C GLY A 92 14.57 3.85 18.89
N GLU A 93 14.20 2.73 19.49
CA GLU A 93 14.98 1.50 19.37
C GLU A 93 14.97 0.99 17.94
N TYR A 94 13.82 1.04 17.30
CA TYR A 94 13.69 0.60 15.91
C TYR A 94 14.61 1.41 14.97
N ARG A 95 14.59 2.73 15.12
CA ARG A 95 15.44 3.64 14.33
C ARG A 95 16.92 3.29 14.47
N HIS A 96 17.33 3.04 15.71
CA HIS A 96 18.70 2.65 16.00
C HIS A 96 19.08 1.30 15.35
N LEU A 97 18.13 0.37 15.33
CA LEU A 97 18.34 -0.92 14.67
C LEU A 97 18.43 -0.78 13.14
N ALA A 98 17.52 0.00 12.57
CA ALA A 98 17.54 0.30 11.14
C ALA A 98 18.89 0.89 10.70
N ASN A 99 19.48 1.75 11.53
CA ASN A 99 20.74 2.41 11.19
C ASN A 99 22.00 1.59 11.53
N SER A 100 21.83 0.40 12.11
CA SER A 100 22.96 -0.42 12.49
C SER A 100 23.63 -1.05 11.27
N LYS A 101 24.86 -1.51 11.45
CA LYS A 101 25.64 -2.11 10.36
C LYS A 101 24.86 -3.23 9.64
N LYS A 102 24.18 -4.06 10.42
CA LYS A 102 23.44 -5.19 9.88
C LYS A 102 22.33 -4.77 8.92
N TYR A 103 21.64 -3.68 9.24
CA TYR A 103 20.41 -3.31 8.53
C TYR A 103 20.46 -2.02 7.70
N GLN A 104 21.52 -1.22 7.85
CA GLN A 104 21.62 0.09 7.20
CA GLN A 104 21.60 0.09 7.20
C GLN A 104 21.67 0.00 5.68
N THR A 105 21.17 1.03 5.00
CA THR A 105 21.27 1.16 3.56
C THR A 105 22.73 1.10 3.12
N PRO A 106 23.05 0.26 2.13
CA PRO A 106 24.43 0.15 1.70
C PRO A 106 24.87 1.36 0.86
N PRO A 107 26.19 1.52 0.67
CA PRO A 107 26.66 2.54 -0.27
C PRO A 107 26.09 2.30 -1.67
N HIS A 108 25.71 3.37 -2.36
CA HIS A 108 25.11 3.25 -3.68
C HIS A 108 25.21 4.59 -4.41
N GLN A 109 25.25 4.53 -5.74
CA GLN A 109 25.43 5.72 -6.58
CA GLN A 109 25.43 5.72 -6.58
C GLN A 109 24.16 6.57 -6.68
N ASN A 110 23.01 5.91 -6.86
CA ASN A 110 21.73 6.61 -7.02
C ASN A 110 20.53 5.65 -6.82
N PHE A 111 19.31 6.13 -7.07
CA PHE A 111 18.10 5.29 -6.95
C PHE A 111 18.21 4.01 -7.79
N GLU A 112 18.69 4.13 -9.02
CA GLU A 112 18.77 2.98 -9.92
C GLU A 112 19.73 1.90 -9.40
N ASP A 113 20.86 2.32 -8.83
CA ASP A 113 21.84 1.40 -8.26
C ASP A 113 21.23 0.68 -7.05
N LEU A 114 20.52 1.41 -6.21
CA LEU A 114 19.88 0.84 -5.03
C LEU A 114 18.80 -0.19 -5.42
N GLU A 115 18.04 0.11 -6.47
CA GLU A 115 17.02 -0.79 -6.98
C GLU A 115 17.64 -2.10 -7.45
N ARG A 116 18.77 -1.99 -8.15
CA ARG A 116 19.52 -3.15 -8.60
C ARG A 116 19.93 -3.99 -7.40
N LYS A 117 20.51 -3.33 -6.39
CA LYS A 117 20.95 -3.99 -5.16
C LYS A 117 19.80 -4.68 -4.43
N TYR A 118 18.64 -4.00 -4.38
CA TYR A 118 17.45 -4.57 -3.75
C TYR A 118 17.07 -5.90 -4.38
N TRP A 119 16.84 -5.90 -5.69
CA TRP A 119 16.38 -7.10 -6.38
C TRP A 119 17.44 -8.20 -6.44
N LYS A 120 18.71 -7.81 -6.50
CA LYS A 120 19.80 -8.79 -6.47
C LYS A 120 19.94 -9.46 -5.10
N ASN A 121 19.80 -8.67 -4.03
CA ASN A 121 20.17 -9.09 -2.67
C ASN A 121 19.04 -9.24 -1.64
N ARG A 122 17.83 -8.79 -1.96
CA ARG A 122 16.73 -8.74 -0.98
C ARG A 122 16.53 -10.08 -0.26
N ILE A 123 16.45 -11.16 -1.03
CA ILE A 123 16.10 -12.46 -0.46
C ILE A 123 17.12 -13.00 0.56
N TYR A 124 18.36 -12.51 0.49
CA TYR A 124 19.43 -12.96 1.37
C TYR A 124 19.49 -12.24 2.72
N ASN A 125 18.57 -11.29 2.96
CA ASN A 125 18.44 -10.65 4.27
C ASN A 125 16.99 -10.68 4.73
N SER A 126 16.79 -10.57 6.04
CA SER A 126 15.45 -10.53 6.62
C SER A 126 15.28 -9.26 7.44
N PRO A 127 14.86 -8.16 6.79
CA PRO A 127 14.68 -6.89 7.49
C PRO A 127 13.44 -6.92 8.38
N ILE A 128 13.36 -5.97 9.30
CA ILE A 128 12.25 -5.90 10.24
C ILE A 128 11.40 -4.67 9.96
N TYR A 129 10.08 -4.89 9.86
CA TYR A 129 9.12 -3.84 9.47
C TYR A 129 8.16 -3.58 10.62
N GLY A 130 8.03 -2.32 11.01
CA GLY A 130 7.00 -1.90 11.96
C GLY A 130 5.76 -1.50 11.19
N ALA A 131 4.99 -2.48 10.75
CA ALA A 131 3.85 -2.27 9.87
C ALA A 131 2.50 -2.32 10.58
N ASP A 132 1.51 -1.67 9.97
CA ASP A 132 0.10 -1.73 10.39
C ASP A 132 -0.12 -1.30 11.84
N ILE A 133 0.48 -0.19 12.22
CA ILE A 133 0.34 0.34 13.58
C ILE A 133 -0.76 1.39 13.58
N SER A 134 -1.85 1.10 14.28
CA SER A 134 -2.97 2.03 14.35
CA SER A 134 -2.96 2.03 14.36
C SER A 134 -2.50 3.34 15.00
N GLY A 135 -2.71 4.46 14.29
CA GLY A 135 -2.34 5.78 14.80
C GLY A 135 -2.09 6.80 13.69
N SER A 136 -1.75 8.01 14.09
CA SER A 136 -1.53 9.11 13.15
C SER A 136 -0.45 10.06 13.64
N LEU A 137 0.30 10.62 12.69
CA LEU A 137 1.27 11.66 12.98
C LEU A 137 0.86 13.04 12.46
N PHE A 138 -0.34 13.16 11.92
CA PHE A 138 -0.83 14.48 11.50
C PHE A 138 -1.24 15.29 12.71
N ASP A 139 -0.83 16.56 12.74
CA ASP A 139 -1.28 17.47 13.76
C ASP A 139 -2.78 17.66 13.62
N GLU A 140 -3.50 17.66 14.75
CA GLU A 140 -4.95 17.87 14.73
C GLU A 140 -5.35 19.18 14.05
N ASN A 141 -4.47 20.18 14.11
CA ASN A 141 -4.74 21.48 13.47
C ASN A 141 -4.43 21.52 11.96
N THR A 142 -3.80 20.48 11.42
CA THR A 142 -3.61 20.37 9.98
C THR A 142 -4.97 20.11 9.34
N LYS A 143 -5.48 21.10 8.62
CA LYS A 143 -6.83 21.07 8.08
C LYS A 143 -6.92 20.33 6.74
N GLN A 144 -5.87 20.39 5.93
CA GLN A 144 -5.89 19.86 4.57
C GLN A 144 -5.18 18.51 4.49
N TRP A 145 -5.82 17.54 3.83
CA TRP A 145 -5.23 16.23 3.53
C TRP A 145 -4.67 15.59 4.79
N ASN A 146 -5.42 15.74 5.88
CA ASN A 146 -5.13 15.11 7.15
C ASN A 146 -5.73 13.72 7.10
N LEU A 147 -4.88 12.70 7.04
CA LEU A 147 -5.36 11.33 6.83
C LEU A 147 -6.22 10.78 7.98
N GLY A 148 -6.18 11.43 9.15
CA GLY A 148 -7.08 11.10 10.25
C GLY A 148 -8.41 11.84 10.25
N HIS A 149 -8.62 12.78 9.33
CA HIS A 149 -9.87 13.54 9.24
C HIS A 149 -10.55 13.38 7.90
N LEU A 150 -10.29 12.28 7.20
CA LEU A 150 -10.97 12.02 5.94
C LEU A 150 -12.37 11.50 6.24
N GLY A 151 -13.25 11.62 5.24
CA GLY A 151 -14.58 11.02 5.33
C GLY A 151 -14.41 9.52 5.33
N THR A 152 -15.24 8.81 6.10
CA THR A 152 -15.11 7.36 6.23
C THR A 152 -15.73 6.63 5.04
N ILE A 153 -15.26 5.40 4.81
CA ILE A 153 -15.79 4.58 3.73
C ILE A 153 -17.23 4.19 4.05
N GLN A 154 -17.53 4.03 5.34
CA GLN A 154 -18.89 3.72 5.78
C GLN A 154 -19.84 4.84 5.40
N ASP A 155 -19.41 6.09 5.58
CA ASP A 155 -20.25 7.23 5.21
C ASP A 155 -20.38 7.37 3.69
N LEU A 156 -19.33 7.02 2.95
CA LEU A 156 -19.40 7.00 1.50
C LEU A 156 -20.41 5.95 1.02
N LEU A 157 -20.33 4.75 1.58
CA LEU A 157 -21.23 3.66 1.18
C LEU A 157 -22.68 4.02 1.48
N GLU A 158 -22.90 4.62 2.64
CA GLU A 158 -24.21 5.12 3.04
C GLU A 158 -24.72 6.20 2.09
N LYS A 159 -23.87 7.15 1.74
CA LYS A 159 -24.25 8.23 0.83
C LYS A 159 -24.58 7.74 -0.58
N GLU A 160 -23.90 6.68 -1.02
CA GLU A 160 -24.11 6.14 -2.38
C GLU A 160 -25.22 5.10 -2.47
N CYS A 161 -25.34 4.25 -1.45
CA CYS A 161 -26.25 3.11 -1.47
C CYS A 161 -27.44 3.24 -0.53
N GLY A 162 -27.39 4.20 0.40
CA GLY A 162 -28.51 4.49 1.27
C GLY A 162 -28.67 3.54 2.43
N VAL A 163 -27.62 2.78 2.74
CA VAL A 163 -27.64 1.84 3.86
C VAL A 163 -26.64 2.31 4.91
N VAL A 164 -27.07 2.35 6.16
CA VAL A 164 -26.16 2.66 7.27
C VAL A 164 -25.51 1.35 7.73
N ILE A 165 -24.20 1.38 7.96
CA ILE A 165 -23.46 0.18 8.39
C ILE A 165 -22.53 0.49 9.54
N GLU A 166 -22.24 -0.53 10.33
CA GLU A 166 -21.25 -0.44 11.40
C GLU A 166 -19.84 -0.28 10.84
N GLY A 167 -18.91 0.09 11.72
CA GLY A 167 -17.49 0.14 11.37
C GLY A 167 -16.92 1.55 11.34
N VAL A 168 -15.61 1.66 11.56
CA VAL A 168 -14.89 2.93 11.49
C VAL A 168 -13.61 2.75 10.67
N ASN A 169 -13.13 3.85 10.12
CA ASN A 169 -12.02 3.87 9.17
C ASN A 169 -10.89 4.76 9.72
N THR A 170 -9.82 4.13 10.23
CA THR A 170 -8.70 4.89 10.82
C THR A 170 -7.33 4.63 10.17
N PRO A 171 -6.38 5.57 10.32
CA PRO A 171 -5.09 5.43 9.65
C PRO A 171 -4.13 4.47 10.36
N TYR A 172 -3.12 4.02 9.62
CA TYR A 172 -2.07 3.16 10.15
C TYR A 172 -0.70 3.78 9.86
N LEU A 173 0.26 3.50 10.73
CA LEU A 173 1.64 3.94 10.57
C LEU A 173 2.53 2.76 10.15
N TYR A 174 3.53 3.07 9.33
CA TYR A 174 4.48 2.08 8.82
C TYR A 174 5.89 2.60 9.03
N PHE A 175 6.60 2.00 9.97
CA PHE A 175 8.01 2.32 10.22
C PHE A 175 8.89 1.30 9.50
N GLY A 176 9.70 1.79 8.56
CA GLY A 176 10.46 0.93 7.67
C GLY A 176 11.95 1.07 7.79
N MET A 177 12.66 0.14 7.17
CA MET A 177 14.11 0.16 7.04
C MET A 177 14.50 -0.39 5.66
N TRP A 178 15.79 -0.31 5.32
CA TRP A 178 16.29 -0.83 4.05
C TRP A 178 15.79 -2.25 3.83
N LYS A 179 15.30 -2.50 2.62
CA LYS A 179 14.79 -3.81 2.16
C LYS A 179 13.40 -4.21 2.68
N THR A 180 12.83 -3.49 3.65
CA THR A 180 11.46 -3.83 4.05
C THR A 180 10.57 -3.69 2.82
N THR A 181 9.62 -4.62 2.70
CA THR A 181 8.97 -4.91 1.43
C THR A 181 7.46 -4.99 1.59
N PHE A 182 6.72 -4.37 0.67
CA PHE A 182 5.30 -4.66 0.54
C PHE A 182 5.03 -5.46 -0.74
N ALA A 183 4.39 -6.62 -0.55
CA ALA A 183 4.15 -7.56 -1.63
C ALA A 183 3.07 -7.07 -2.58
N TRP A 184 3.00 -7.71 -3.76
CA TRP A 184 1.99 -7.39 -4.77
C TRP A 184 0.55 -7.59 -4.23
N HIS A 185 -0.25 -6.53 -4.30
CA HIS A 185 -1.62 -6.60 -3.80
C HIS A 185 -2.47 -5.44 -4.34
N THR A 186 -3.79 -5.60 -4.29
CA THR A 186 -4.72 -4.47 -4.35
C THR A 186 -5.25 -4.28 -2.93
N GLU A 187 -5.94 -3.17 -2.70
CA GLU A 187 -6.47 -2.90 -1.37
C GLU A 187 -7.65 -3.84 -1.07
N ASP A 188 -7.98 -3.97 0.21
CA ASP A 188 -9.18 -4.68 0.64
C ASP A 188 -10.38 -4.10 -0.12
N MET A 189 -11.23 -4.97 -0.65
CA MET A 189 -12.40 -4.57 -1.47
C MET A 189 -12.03 -3.70 -2.68
N ASP A 190 -10.78 -3.77 -3.11
CA ASP A 190 -10.24 -2.91 -4.17
C ASP A 190 -10.52 -1.43 -3.93
N LEU A 191 -10.41 -1.01 -2.68
CA LEU A 191 -10.54 0.39 -2.30
C LEU A 191 -9.38 1.23 -2.82
N TYR A 192 -9.50 2.54 -2.73
CA TYR A 192 -8.35 3.43 -2.92
C TYR A 192 -7.51 3.37 -1.64
N SER A 193 -6.26 3.81 -1.76
CA SER A 193 -5.43 4.09 -0.59
CA SER A 193 -5.43 4.08 -0.60
C SER A 193 -4.71 5.41 -0.79
N ILE A 194 -4.43 6.10 0.30
CA ILE A 194 -3.58 7.29 0.27
C ILE A 194 -2.46 7.09 1.29
N ASN A 195 -1.24 7.42 0.88
CA ASN A 195 -0.02 7.15 1.65
C ASN A 195 0.79 8.43 1.71
N TYR A 196 1.11 8.89 2.91
CA TYR A 196 1.99 10.04 3.11
C TYR A 196 3.31 9.59 3.75
N LEU A 197 4.42 9.92 3.10
CA LEU A 197 5.74 9.63 3.66
C LEU A 197 6.16 10.79 4.56
N HIS A 198 6.03 10.57 5.86
CA HIS A 198 6.25 11.60 6.88
C HIS A 198 7.70 12.03 6.96
N LEU A 199 8.60 11.06 6.90
CA LEU A 199 10.01 11.33 7.19
C LEU A 199 10.89 10.18 6.76
N GLY A 200 12.17 10.50 6.56
CA GLY A 200 13.19 9.48 6.34
C GLY A 200 13.48 9.23 4.88
N GLU A 201 13.97 8.02 4.60
CA GLU A 201 14.44 7.67 3.27
C GLU A 201 13.28 7.31 2.36
N PRO A 202 13.51 7.25 1.03
CA PRO A 202 12.39 7.04 0.11
C PRO A 202 11.74 5.65 0.13
N LYS A 203 10.68 5.53 -0.66
CA LYS A 203 9.92 4.31 -0.83
C LYS A 203 9.69 4.17 -2.33
N THR A 204 10.16 3.08 -2.92
CA THR A 204 9.99 2.83 -4.35
C THR A 204 8.75 1.98 -4.57
N TRP A 205 7.94 2.35 -5.56
CA TRP A 205 6.68 1.70 -5.86
C TRP A 205 6.70 1.12 -7.26
N TYR A 206 6.05 -0.03 -7.40
CA TYR A 206 5.73 -0.62 -8.70
C TYR A 206 4.22 -0.77 -8.78
N VAL A 207 3.65 -0.61 -9.97
CA VAL A 207 2.21 -0.63 -10.13
C VAL A 207 1.81 -1.16 -11.51
N VAL A 208 0.74 -1.94 -11.54
CA VAL A 208 0.16 -2.43 -12.79
C VAL A 208 -1.15 -1.68 -13.01
N PRO A 209 -1.38 -1.18 -14.24
CA PRO A 209 -2.64 -0.50 -14.51
C PRO A 209 -3.86 -1.39 -14.23
N PRO A 210 -4.90 -0.83 -13.59
CA PRO A 210 -6.11 -1.62 -13.28
C PRO A 210 -6.70 -2.39 -14.47
N GLU A 211 -6.70 -1.78 -15.66
CA GLU A 211 -7.22 -2.47 -16.84
C GLU A 211 -6.41 -3.72 -17.25
N HIS A 212 -5.20 -3.87 -16.70
CA HIS A 212 -4.36 -5.04 -16.98
C HIS A 212 -4.10 -5.92 -15.75
N GLY A 213 -4.88 -5.72 -14.68
CA GLY A 213 -4.66 -6.43 -13.44
C GLY A 213 -4.70 -7.95 -13.58
N GLN A 214 -5.58 -8.45 -14.42
CA GLN A 214 -5.72 -9.90 -14.63
C GLN A 214 -4.50 -10.53 -15.31
N ARG A 215 -3.73 -9.74 -16.06
CA ARG A 215 -2.47 -10.23 -16.62
C ARG A 215 -1.47 -10.57 -15.53
N LEU A 216 -1.39 -9.71 -14.51
CA LEU A 216 -0.53 -9.96 -13.37
C LEU A 216 -1.01 -11.18 -12.59
N GLU A 217 -2.33 -11.30 -12.43
CA GLU A 217 -2.90 -12.44 -11.70
C GLU A 217 -2.57 -13.76 -12.41
N ARG A 218 -2.69 -13.76 -13.73
CA ARG A 218 -2.37 -14.91 -14.57
C ARG A 218 -0.90 -15.32 -14.39
N LEU A 219 -0.01 -14.33 -14.42
CA LEU A 219 1.42 -14.59 -14.25
C LEU A 219 1.68 -15.13 -12.84
N ALA A 220 1.02 -14.54 -11.85
CA ALA A 220 1.18 -14.97 -10.46
C ALA A 220 0.79 -16.45 -10.29
N ARG A 221 -0.32 -16.85 -10.88
CA ARG A 221 -0.77 -18.26 -10.82
C ARG A 221 0.30 -19.18 -11.38
N GLU A 222 0.96 -18.75 -12.44
CA GLU A 222 2.03 -19.52 -13.06
C GLU A 222 3.30 -19.56 -12.18
N LEU A 223 3.66 -18.41 -11.60
CA LEU A 223 4.91 -18.31 -10.83
C LEU A 223 4.84 -18.86 -9.40
N PHE A 224 3.62 -18.93 -8.86
CA PHE A 224 3.40 -19.43 -7.51
C PHE A 224 2.30 -20.49 -7.52
N PRO A 225 2.56 -21.63 -8.20
CA PRO A 225 1.51 -22.64 -8.41
C PRO A 225 0.88 -23.21 -7.14
N GLY A 226 1.70 -23.44 -6.11
CA GLY A 226 1.19 -23.93 -4.83
C GLY A 226 0.23 -22.94 -4.16
N SER A 227 0.65 -21.69 -4.05
CA SER A 227 -0.16 -20.62 -3.46
C SER A 227 -1.50 -20.44 -4.18
N SER A 228 -1.46 -20.55 -5.50
CA SER A 228 -2.66 -20.41 -6.34
C SER A 228 -3.70 -21.49 -6.06
N ARG A 229 -3.26 -22.74 -5.93
CA ARG A 229 -4.17 -23.86 -5.66
C ARG A 229 -4.84 -23.77 -4.28
N GLY A 230 -4.08 -23.34 -3.28
CA GLY A 230 -4.61 -23.17 -1.92
C GLY A 230 -5.66 -22.07 -1.76
N CYS A 231 -5.61 -21.05 -2.62
CA CYS A 231 -6.56 -19.95 -2.55
C CYS A 231 -6.70 -19.23 -3.90
N GLY A 232 -7.95 -19.08 -4.36
CA GLY A 232 -8.25 -18.44 -5.63
C GLY A 232 -7.99 -16.95 -5.70
N ALA A 233 -7.68 -16.32 -4.56
CA ALA A 233 -7.27 -14.91 -4.51
C ALA A 233 -6.07 -14.75 -3.57
N PHE A 234 -5.02 -15.55 -3.80
CA PHE A 234 -3.88 -15.62 -2.86
C PHE A 234 -3.04 -14.35 -2.74
N LEU A 235 -3.04 -13.50 -3.76
CA LEU A 235 -2.33 -12.21 -3.67
C LEU A 235 -2.82 -11.38 -2.50
N ARG A 236 -4.07 -11.62 -2.07
CA ARG A 236 -4.59 -10.97 -0.87
C ARG A 236 -3.87 -11.35 0.44
N HIS A 237 -3.08 -12.43 0.42
CA HIS A 237 -2.23 -12.77 1.57
C HIS A 237 -1.08 -11.79 1.70
N LYS A 238 -0.79 -11.08 0.61
CA LYS A 238 0.29 -10.09 0.55
C LYS A 238 1.62 -10.76 0.86
N VAL A 239 1.95 -11.80 0.10
CA VAL A 239 3.21 -12.53 0.28
C VAL A 239 4.10 -12.61 -0.95
N ALA A 240 3.56 -12.34 -2.14
CA ALA A 240 4.28 -12.62 -3.40
C ALA A 240 5.00 -11.40 -3.97
N LEU A 241 6.29 -11.60 -4.28
CA LEU A 241 7.09 -10.59 -4.98
C LEU A 241 7.57 -11.09 -6.33
N ILE A 242 7.50 -10.21 -7.33
CA ILE A 242 7.94 -10.47 -8.70
C ILE A 242 8.69 -9.21 -9.16
N SER A 243 9.93 -9.37 -9.58
CA SER A 243 10.79 -8.21 -9.92
C SER A 243 10.39 -7.57 -11.25
N PRO A 244 10.78 -6.31 -11.45
CA PRO A 244 10.50 -5.67 -12.74
C PRO A 244 11.10 -6.41 -13.94
N THR A 245 12.26 -7.02 -13.78
CA THR A 245 12.89 -7.80 -14.85
C THR A 245 12.00 -8.98 -15.27
N VAL A 246 11.42 -9.66 -14.29
CA VAL A 246 10.55 -10.80 -14.55
C VAL A 246 9.23 -10.35 -15.17
N LEU A 247 8.67 -9.24 -14.68
CA LEU A 247 7.47 -8.66 -15.29
C LEU A 247 7.70 -8.35 -16.77
N LYS A 248 8.84 -7.73 -17.06
CA LYS A 248 9.20 -7.34 -18.42
C LYS A 248 9.35 -8.57 -19.32
N GLU A 249 10.04 -9.58 -18.81
CA GLU A 249 10.19 -10.87 -19.53
C GLU A 249 8.86 -11.48 -19.92
N ASN A 250 7.85 -11.31 -19.07
CA ASN A 250 6.53 -11.90 -19.27
C ASN A 250 5.49 -10.94 -19.86
N GLY A 251 5.95 -9.79 -20.34
CA GLY A 251 5.08 -8.83 -21.01
C GLY A 251 4.04 -8.12 -20.15
N ILE A 252 4.27 -8.06 -18.85
CA ILE A 252 3.31 -7.43 -17.94
C ILE A 252 3.54 -5.92 -17.96
N PRO A 253 2.49 -5.15 -18.30
CA PRO A 253 2.66 -3.71 -18.29
C PRO A 253 2.68 -3.18 -16.87
N PHE A 254 3.65 -2.34 -16.56
CA PHE A 254 3.78 -1.79 -15.23
C PHE A 254 4.57 -0.49 -15.29
N ASN A 255 4.55 0.24 -14.19
CA ASN A 255 5.38 1.44 -14.04
C ASN A 255 6.01 1.48 -12.66
N ARG A 256 7.03 2.32 -12.52
CA ARG A 256 7.72 2.48 -11.24
C ARG A 256 7.93 3.95 -10.93
N ILE A 257 7.96 4.27 -9.65
CA ILE A 257 8.19 5.64 -9.19
C ILE A 257 8.66 5.59 -7.74
N THR A 258 9.51 6.55 -7.37
CA THR A 258 10.04 6.64 -6.02
C THR A 258 9.41 7.83 -5.29
N GLN A 259 8.85 7.54 -4.12
CA GLN A 259 8.21 8.53 -3.26
C GLN A 259 9.23 9.00 -2.22
N GLU A 260 9.30 10.32 -2.02
CA GLU A 260 10.23 10.91 -1.05
C GLU A 260 9.45 11.56 0.09
N ALA A 261 10.12 11.83 1.20
CA ALA A 261 9.46 12.39 2.38
C ALA A 261 8.75 13.69 2.01
N GLY A 262 7.55 13.87 2.54
CA GLY A 262 6.74 15.06 2.23
C GLY A 262 5.80 14.91 1.04
N GLU A 263 5.74 13.69 0.47
CA GLU A 263 4.93 13.46 -0.73
C GLU A 263 3.83 12.42 -0.48
N PHE A 264 2.67 12.64 -1.09
CA PHE A 264 1.55 11.71 -1.05
C PHE A 264 1.57 10.77 -2.26
N MET A 265 1.16 9.53 -2.06
CA MET A 265 0.84 8.61 -3.14
C MET A 265 -0.61 8.15 -2.97
N VAL A 266 -1.34 8.09 -4.07
CA VAL A 266 -2.69 7.54 -4.08
C VAL A 266 -2.71 6.31 -4.98
N THR A 267 -3.19 5.19 -4.44
CA THR A 267 -3.45 4.01 -5.28
C THR A 267 -4.93 3.97 -5.60
N PHE A 268 -5.25 3.55 -6.81
CA PHE A 268 -6.62 3.56 -7.31
C PHE A 268 -7.18 2.14 -7.30
N PRO A 269 -8.53 2.03 -7.31
CA PRO A 269 -9.19 0.72 -7.25
C PRO A 269 -8.64 -0.30 -8.24
N TYR A 270 -8.29 -1.47 -7.71
CA TYR A 270 -7.76 -2.59 -8.50
C TYR A 270 -6.40 -2.32 -9.17
N GLY A 271 -5.64 -1.38 -8.61
CA GLY A 271 -4.28 -1.11 -9.04
C GLY A 271 -3.32 -1.91 -8.19
N TYR A 272 -2.81 -3.02 -8.75
CA TYR A 272 -1.82 -3.85 -8.06
C TYR A 272 -0.54 -3.05 -7.85
N HIS A 273 0.02 -3.11 -6.64
CA HIS A 273 1.27 -2.44 -6.36
C HIS A 273 2.13 -3.21 -5.38
N ALA A 274 3.40 -2.89 -5.40
CA ALA A 274 4.40 -3.49 -4.53
C ALA A 274 5.54 -2.51 -4.44
N GLY A 275 6.45 -2.73 -3.50
CA GLY A 275 7.61 -1.86 -3.39
C GLY A 275 8.50 -2.12 -2.19
N PHE A 276 9.40 -1.17 -1.93
CA PHE A 276 10.36 -1.34 -0.85
C PHE A 276 10.87 -0.01 -0.33
N ASN A 277 11.36 -0.04 0.90
CA ASN A 277 11.92 1.15 1.56
C ASN A 277 13.44 1.20 1.41
N HIS A 278 13.95 2.41 1.27
CA HIS A 278 15.37 2.66 0.99
C HIS A 278 16.20 2.67 2.26
N GLY A 279 15.55 2.90 3.39
CA GLY A 279 16.20 3.11 4.67
C GLY A 279 15.17 3.47 5.72
N PHE A 280 15.61 3.90 6.90
CA PHE A 280 14.66 4.20 7.96
C PHE A 280 13.67 5.26 7.47
N ASN A 281 12.38 4.98 7.63
CA ASN A 281 11.36 5.98 7.31
C ASN A 281 10.06 5.73 8.08
N CYS A 282 9.12 6.65 7.94
CA CYS A 282 7.79 6.48 8.51
C CYS A 282 6.74 6.99 7.54
N ALA A 283 5.78 6.14 7.22
CA ALA A 283 4.69 6.50 6.34
C ALA A 283 3.39 6.31 7.07
N GLU A 284 2.35 7.04 6.65
CA GLU A 284 1.00 6.89 7.19
C GLU A 284 0.05 6.67 6.03
N ALA A 285 -0.88 5.73 6.20
CA ALA A 285 -1.79 5.38 5.13
C ALA A 285 -3.19 5.08 5.64
N ILE A 286 -4.17 5.26 4.76
CA ILE A 286 -5.55 4.90 5.07
C ILE A 286 -6.27 4.55 3.78
N ASN A 287 -7.25 3.66 3.85
CA ASN A 287 -8.10 3.43 2.68
C ASN A 287 -9.18 4.49 2.61
N PHE A 288 -9.65 4.76 1.40
CA PHE A 288 -10.79 5.64 1.19
C PHE A 288 -11.59 5.20 -0.03
N ALA A 289 -12.76 5.81 -0.20
CA ALA A 289 -13.67 5.47 -1.29
C ALA A 289 -14.24 6.72 -1.94
N THR A 290 -14.66 6.58 -3.18
CA THR A 290 -15.38 7.62 -3.92
C THR A 290 -16.58 6.94 -4.58
N PRO A 291 -17.50 7.72 -5.17
CA PRO A 291 -18.58 7.10 -5.93
C PRO A 291 -18.09 6.08 -6.97
N ARG A 292 -16.99 6.37 -7.65
CA ARG A 292 -16.44 5.47 -8.68
C ARG A 292 -15.95 4.13 -8.12
N TRP A 293 -15.57 4.08 -6.85
CA TRP A 293 -15.15 2.82 -6.24
C TRP A 293 -16.28 1.77 -6.15
N ILE A 294 -17.53 2.20 -6.01
CA ILE A 294 -18.59 1.25 -5.67
C ILE A 294 -18.60 0.01 -6.57
N ASP A 295 -18.57 0.22 -7.88
CA ASP A 295 -18.59 -0.89 -8.83
C ASP A 295 -17.38 -1.83 -8.72
N TYR A 296 -16.22 -1.29 -8.34
CA TYR A 296 -15.04 -2.12 -8.05
C TYR A 296 -15.26 -2.95 -6.79
N GLY A 297 -15.80 -2.33 -5.74
CA GLY A 297 -16.18 -3.07 -4.52
C GLY A 297 -17.06 -4.28 -4.78
N LYS A 298 -18.04 -4.12 -5.67
CA LYS A 298 -18.96 -5.20 -6.04
C LYS A 298 -18.27 -6.37 -6.73
N MET A 299 -17.15 -6.11 -7.40
CA MET A 299 -16.45 -7.11 -8.20
C MET A 299 -15.17 -7.64 -7.56
N ALA A 300 -14.78 -7.09 -6.41
CA ALA A 300 -13.51 -7.43 -5.80
C ALA A 300 -13.46 -8.90 -5.39
N SER A 301 -12.35 -9.56 -5.67
N SER A 301 -12.34 -9.55 -5.66
CA SER A 301 -12.15 -10.96 -5.29
CA SER A 301 -12.14 -10.94 -5.27
C SER A 301 -11.93 -11.05 -3.79
C SER A 301 -11.95 -11.04 -3.77
N GLN A 302 -12.36 -12.16 -3.19
CA GLN A 302 -12.20 -12.40 -1.76
C GLN A 302 -11.39 -13.65 -1.48
N CYS A 303 -10.52 -13.57 -0.48
CA CYS A 303 -9.85 -14.73 0.10
C CYS A 303 -10.83 -15.42 1.06
N SER A 304 -11.14 -16.69 0.80
CA SER A 304 -11.99 -17.48 1.68
C SER A 304 -11.27 -18.72 2.24
N CYS A 305 -9.94 -18.68 2.25
CA CYS A 305 -9.13 -19.75 2.86
C CYS A 305 -8.70 -19.40 4.28
N GLY A 306 -8.95 -18.17 4.71
CA GLY A 306 -8.66 -17.74 6.08
C GLY A 306 -7.28 -17.14 6.31
N GLU A 307 -6.42 -17.15 5.29
CA GLU A 307 -5.05 -16.62 5.44
C GLU A 307 -4.99 -15.10 5.44
N ALA A 308 -5.84 -14.46 4.64
CA ALA A 308 -5.85 -12.99 4.55
C ALA A 308 -6.28 -12.36 5.87
N ARG A 309 -5.64 -11.24 6.22
CA ARG A 309 -5.97 -10.51 7.44
C ARG A 309 -7.33 -9.83 7.32
N VAL A 310 -8.30 -10.29 8.11
CA VAL A 310 -9.67 -9.78 8.05
C VAL A 310 -9.93 -8.74 9.15
N THR A 311 -10.42 -7.57 8.74
CA THR A 311 -10.78 -6.49 9.67
C THR A 311 -12.28 -6.49 9.94
N PHE A 312 -12.68 -5.88 11.05
CA PHE A 312 -14.09 -5.81 11.45
C PHE A 312 -14.92 -5.03 10.43
N SER A 313 -14.32 -3.97 9.87
CA SER A 313 -14.99 -3.13 8.89
C SER A 313 -15.35 -3.87 7.59
N MET A 314 -14.52 -4.82 7.18
CA MET A 314 -14.73 -5.54 5.92
CA MET A 314 -14.72 -5.56 5.93
C MET A 314 -16.04 -6.33 5.87
N ASP A 315 -16.49 -6.84 7.02
CA ASP A 315 -17.73 -7.64 7.09
C ASP A 315 -18.87 -6.95 6.36
N ALA A 316 -19.11 -5.69 6.69
CA ALA A 316 -20.26 -4.98 6.18
C ALA A 316 -20.13 -4.70 4.69
N PHE A 317 -18.91 -4.44 4.22
CA PHE A 317 -18.72 -4.18 2.81
CA PHE A 317 -18.64 -4.18 2.82
C PHE A 317 -19.02 -5.41 1.96
N VAL A 318 -18.60 -6.57 2.43
CA VAL A 318 -18.92 -7.82 1.74
C VAL A 318 -20.42 -8.12 1.88
N ARG A 319 -20.96 -7.92 3.07
CA ARG A 319 -22.37 -8.18 3.33
C ARG A 319 -23.33 -7.42 2.38
N ILE A 320 -23.06 -6.13 2.20
CA ILE A 320 -23.93 -5.27 1.38
C ILE A 320 -23.60 -5.38 -0.10
N LEU A 321 -22.32 -5.29 -0.45
CA LEU A 321 -21.92 -5.29 -1.85
C LEU A 321 -21.81 -6.66 -2.50
N GLN A 322 -21.52 -7.69 -1.69
CA GLN A 322 -21.32 -9.04 -2.22
CA GLN A 322 -21.32 -9.05 -2.21
C GLN A 322 -22.11 -10.07 -1.40
N PRO A 323 -23.44 -9.89 -1.32
CA PRO A 323 -24.25 -10.78 -0.49
C PRO A 323 -24.10 -12.27 -0.84
N GLU A 324 -23.94 -12.60 -2.12
CA GLU A 324 -23.76 -13.99 -2.54
C GLU A 324 -22.47 -14.61 -1.97
N ARG A 325 -21.40 -13.83 -1.95
CA ARG A 325 -20.11 -14.29 -1.42
C ARG A 325 -20.08 -14.31 0.12
N TYR A 326 -21.00 -13.59 0.76
CA TYR A 326 -20.90 -13.33 2.20
C TYR A 326 -20.81 -14.59 3.07
N ASP A 327 -21.70 -15.56 2.84
CA ASP A 327 -21.70 -16.81 3.63
C ASP A 327 -20.35 -17.54 3.61
N LEU A 328 -19.90 -17.92 2.42
CA LEU A 328 -18.63 -18.63 2.25
C LEU A 328 -17.42 -17.83 2.75
N TRP A 329 -17.44 -16.52 2.51
CA TRP A 329 -16.38 -15.64 3.00
C TRP A 329 -16.35 -15.63 4.53
N LYS A 330 -17.53 -15.58 5.14
CA LYS A 330 -17.66 -15.56 6.60
C LYS A 330 -17.16 -16.87 7.24
N ARG A 331 -17.38 -17.99 6.55
CA ARG A 331 -16.87 -19.30 6.99
C ARG A 331 -15.34 -19.36 6.99
N GLY A 332 -14.73 -18.80 5.93
CA GLY A 332 -13.27 -18.77 5.81
C GLY A 332 -12.58 -17.96 6.88
N GLN A 333 -13.16 -16.81 7.22
CA GLN A 333 -12.61 -15.92 8.24
C GLN A 333 -13.24 -16.20 9.60
ZN ZN B . -6.67 -17.02 0.81
CO CO C . -1.50 -0.96 -0.51
S AUY D . 3.77 -4.71 4.23
C1 AUY D . 1.58 -4.85 5.49
N1 AUY D . 0.46 -0.72 0.30
O1 AUY D . 4.58 -0.71 3.22
C01 AUY D . 2.08 -6.47 7.43
N01 AUY D . 2.24 -2.13 3.17
O01 AUY D . 4.41 1.37 2.41
C02 AUY D . 2.47 -5.70 6.20
C03 AUY D . 3.69 -5.71 5.62
C04 AUY D . 2.14 -4.24 4.41
C05 AUY D . 1.45 -3.31 3.47
C06 AUY D . 1.94 -1.28 2.11
C07 AUY D . 0.80 -1.49 1.33
C08 AUY D . 1.25 0.31 0.00
C09 AUY D . 2.40 0.63 0.71
C10 AUY D . 2.76 -0.18 1.78
C11 AUY D . 4.01 0.14 2.54
S SO4 E . 22.96 -5.05 0.22
O1 SO4 E . 24.39 -4.66 0.28
O2 SO4 E . 22.86 -6.53 0.24
O3 SO4 E . 22.34 -4.54 -1.02
O4 SO4 E . 22.26 -4.52 1.41
S SO4 F . 5.71 18.69 17.36
O1 SO4 F . 5.69 17.37 18.04
O2 SO4 F . 4.90 19.66 18.13
O3 SO4 F . 5.14 18.56 15.99
O4 SO4 F . 7.10 19.18 17.28
S SO4 G . 26.20 -5.51 -5.21
O1 SO4 G . 26.32 -4.08 -5.59
O2 SO4 G . 26.27 -6.32 -6.45
O3 SO4 G . 24.90 -5.72 -4.54
O4 SO4 G . 27.30 -5.87 -4.30
S SO4 H . 20.03 6.63 16.04
O1 SO4 H . 19.97 5.70 14.88
O2 SO4 H . 19.99 5.87 17.30
O3 SO4 H . 18.88 7.56 15.96
O4 SO4 H . 21.29 7.41 15.96
S SO4 I . 23.80 10.33 -10.63
O1 SO4 I . 24.98 10.99 -11.23
O2 SO4 I . 24.22 9.52 -9.47
O3 SO4 I . 23.17 9.44 -11.64
O4 SO4 I . 22.84 11.36 -10.19
S SO4 J . -15.62 -1.85 -13.35
O1 SO4 J . -16.02 -2.91 -14.29
O2 SO4 J . -14.90 -2.44 -12.21
O3 SO4 J . -16.81 -1.14 -12.85
O4 SO4 J . -14.74 -0.88 -14.04
S SO4 K . -2.99 0.55 4.21
O1 SO4 K . -1.57 0.77 3.82
O2 SO4 K . -3.88 1.25 3.25
O3 SO4 K . -3.26 1.06 5.58
O4 SO4 K . -3.25 -0.90 4.21
#